data_7ZER
#
_entry.id   7ZER
#
_cell.length_a   76.900
_cell.length_b   90.150
_cell.length_c   92.680
_cell.angle_alpha   90.000
_cell.angle_beta   90.000
_cell.angle_gamma   90.000
#
_symmetry.space_group_name_H-M   'P 21 21 21'
#
loop_
_entity.id
_entity.type
_entity.pdbx_description
1 polymer 'Cyanohydrin beta-glucosyltransferase'
2 non-polymer "URIDINE-5'-DIPHOSPHATE"
3 non-polymer 1,2-ETHANEDIOL
4 water water
#
_entity_poly.entity_id   1
_entity_poly.type   'polypeptide(L)'
_entity_poly.pdbx_seq_one_letter_code
;MGSNAPPPPTPHVVLVPFPGQGHVAPLMQLARLLHARGARVTFVYTQYNYRRLLRAKGEAAVRPPATSSARFRIEVIDDG
LSLSVPQNDVGGLVDSLRKNCLHPFRALLRRLGQEVEGQDAPPVTCVVGDVVMTFAAAAAREAGIPEVQFFTASACGLLG
YLHYGELVERGLVPFRDASLLADDDYLDTPLEWVPGMSHMRLRDMPTFCRTTDPDDVMVSATLQQMESAAGSKALILNTL
YELEKDVVDALAAFFPPIYTVGPLAEVIASSDSASAGLAAMDISIWQEDTRCLSWLDGKPAGSVVYVNFGSMAVMTAAQA
REFALGLASCGSPFLWVKRPDVVEGEEVLLPEALLDEVARGRGLVVPWCPQAAVLKHAAVGLFVSHCGWNSLLEATAAGQ
PVLAWPCHGEQTTNCRQLCEVWGNGAQLPREVESGAVARLVREMMVGDLGKEKRAKAAEWKAAAEAAARKGGASWRNVER
VVNDLLLVGGKQHHHHHH
;
_entity_poly.pdbx_strand_id   A
#
loop_
_chem_comp.id
_chem_comp.type
_chem_comp.name
_chem_comp.formula
EDO non-polymer 1,2-ETHANEDIOL 'C2 H6 O2'
UDP RNA linking URIDINE-5'-DIPHOSPHATE 'C9 H14 N2 O12 P2'
#
# COMPACT_ATOMS: atom_id res chain seq x y z
N PRO A 9 -34.55 -1.60 -2.75
CA PRO A 9 -33.77 -1.56 -1.50
C PRO A 9 -32.35 -1.09 -1.76
N THR A 10 -31.92 -0.03 -1.09
CA THR A 10 -30.56 0.48 -1.30
C THR A 10 -29.57 -0.48 -0.66
N PRO A 11 -28.57 -0.97 -1.41
CA PRO A 11 -27.53 -1.79 -0.76
C PRO A 11 -26.76 -0.92 0.24
N HIS A 12 -26.19 -1.59 1.24
CA HIS A 12 -25.48 -0.89 2.33
C HIS A 12 -24.20 -1.67 2.60
N VAL A 13 -23.07 -1.08 2.23
CA VAL A 13 -21.77 -1.73 2.37
C VAL A 13 -21.00 -1.06 3.50
N VAL A 14 -20.47 -1.89 4.41
CA VAL A 14 -19.63 -1.43 5.52
C VAL A 14 -18.20 -1.78 5.16
N LEU A 15 -17.31 -0.79 5.14
CA LEU A 15 -15.91 -1.00 4.77
C LEU A 15 -14.99 -0.73 5.94
N VAL A 16 -14.01 -1.62 6.11
CA VAL A 16 -13.15 -1.57 7.29
C VAL A 16 -11.66 -1.70 6.92
N PRO A 17 -10.94 -0.60 6.76
CA PRO A 17 -9.51 -0.68 6.47
C PRO A 17 -8.66 -0.82 7.72
N PHE A 18 -7.46 -1.37 7.54
CA PHE A 18 -6.43 -1.20 8.56
C PHE A 18 -6.02 0.27 8.63
N PRO A 19 -5.67 0.76 9.85
CA PRO A 19 -5.28 2.18 10.03
C PRO A 19 -3.87 2.48 9.54
N GLY A 20 -3.70 2.43 8.24
CA GLY A 20 -2.52 2.98 7.58
C GLY A 20 -2.98 3.55 6.26
N GLN A 21 -2.28 4.60 5.79
CA GLN A 21 -2.80 5.34 4.65
C GLN A 21 -2.85 4.47 3.39
N GLY A 22 -1.92 3.53 3.23
CA GLY A 22 -1.92 2.62 2.10
C GLY A 22 -3.02 1.58 2.13
N HIS A 23 -3.70 1.44 3.27
CA HIS A 23 -4.86 0.58 3.38
C HIS A 23 -6.15 1.37 3.27
N VAL A 24 -6.18 2.55 3.87
CA VAL A 24 -7.36 3.39 3.75
C VAL A 24 -7.57 3.80 2.30
N ALA A 25 -6.49 4.12 1.58
CA ALA A 25 -6.64 4.68 0.24
C ALA A 25 -7.44 3.77 -0.68
N PRO A 26 -7.06 2.51 -0.88
CA PRO A 26 -7.85 1.65 -1.78
C PRO A 26 -9.27 1.41 -1.29
N LEU A 27 -9.48 1.29 0.01
CA LEU A 27 -10.84 1.04 0.48
C LEU A 27 -11.70 2.30 0.31
N MET A 28 -11.08 3.47 0.47
CA MET A 28 -11.82 4.71 0.25
C MET A 28 -12.12 4.91 -1.23
N GLN A 29 -11.18 4.55 -2.12
CA GLN A 29 -11.48 4.55 -3.55
C GLN A 29 -12.73 3.73 -3.81
N LEU A 30 -12.78 2.50 -3.28
CA LEU A 30 -13.93 1.64 -3.48
C LEU A 30 -15.19 2.24 -2.88
N ALA A 31 -15.09 2.77 -1.67
CA ALA A 31 -16.27 3.34 -1.01
C ALA A 31 -16.86 4.46 -1.84
N ARG A 32 -16.00 5.34 -2.38
CA ARG A 32 -16.48 6.44 -3.22
C ARG A 32 -17.17 5.92 -4.47
N LEU A 33 -16.65 4.86 -5.07
CA LEU A 33 -17.28 4.26 -6.25
C LEU A 33 -18.65 3.70 -5.91
N LEU A 34 -18.73 2.96 -4.81
CA LEU A 34 -20.01 2.40 -4.40
C LEU A 34 -21.05 3.48 -4.14
N HIS A 35 -20.62 4.59 -3.52
CA HIS A 35 -21.53 5.71 -3.29
C HIS A 35 -22.01 6.30 -4.61
N ALA A 36 -21.11 6.42 -5.59
CA ALA A 36 -21.49 6.92 -6.90
C ALA A 36 -22.51 6.02 -7.59
N ARG A 37 -22.45 4.71 -7.32
CA ARG A 37 -23.39 3.76 -7.89
C ARG A 37 -24.70 3.68 -7.11
N GLY A 38 -24.86 4.52 -6.09
CA GLY A 38 -26.12 4.64 -5.38
C GLY A 38 -26.18 3.91 -4.06
N ALA A 39 -25.10 3.26 -3.63
CA ALA A 39 -25.13 2.52 -2.38
C ALA A 39 -25.05 3.47 -1.19
N ARG A 40 -25.59 3.00 -0.06
CA ARG A 40 -25.22 3.56 1.23
C ARG A 40 -23.89 2.91 1.63
N VAL A 41 -22.96 3.75 2.06
CA VAL A 41 -21.64 3.32 2.52
C VAL A 41 -21.54 3.69 3.99
N THR A 42 -21.01 2.78 4.79
CA THR A 42 -20.54 3.10 6.14
C THR A 42 -19.04 2.80 6.16
N PHE A 43 -18.24 3.83 6.33
CA PHE A 43 -16.78 3.70 6.36
C PHE A 43 -16.37 3.72 7.81
N VAL A 44 -15.67 2.66 8.25
CA VAL A 44 -15.36 2.47 9.67
C VAL A 44 -13.91 2.83 9.92
N TYR A 45 -13.69 3.85 10.72
CA TYR A 45 -12.38 4.21 11.22
C TYR A 45 -12.20 3.67 12.62
N THR A 46 -10.96 3.32 12.96
CA THR A 46 -10.58 3.12 14.34
C THR A 46 -10.41 4.48 15.02
N GLN A 47 -10.60 4.51 16.33
CA GLN A 47 -10.42 5.78 17.05
C GLN A 47 -8.98 6.27 16.93
N TYR A 48 -8.00 5.36 16.90
CA TYR A 48 -6.61 5.75 16.65
C TYR A 48 -6.51 6.57 15.38
N ASN A 49 -7.02 6.01 14.27
CA ASN A 49 -6.92 6.69 12.98
C ASN A 49 -7.73 7.98 12.97
N TYR A 50 -8.93 7.93 13.52
CA TYR A 50 -9.82 9.08 13.46
C TYR A 50 -9.29 10.23 14.29
N ARG A 51 -8.88 9.96 15.54
CA ARG A 51 -8.38 11.05 16.39
C ARG A 51 -7.07 11.62 15.85
N ARG A 52 -6.21 10.78 15.26
CA ARG A 52 -4.98 11.29 14.68
C ARG A 52 -5.28 12.17 13.46
N LEU A 53 -6.27 11.78 12.66
CA LEU A 53 -6.66 12.61 11.53
C LEU A 53 -7.24 13.93 11.99
N LEU A 54 -8.12 13.88 13.00
CA LEU A 54 -8.76 15.11 13.45
C LEU A 54 -7.74 16.10 13.99
N ARG A 55 -6.76 15.63 14.75
CA ARG A 55 -5.80 16.56 15.31
C ARG A 55 -4.87 17.12 14.25
N ALA A 56 -4.71 16.43 13.11
CA ALA A 56 -3.86 16.96 12.06
C ALA A 56 -4.60 17.86 11.07
N LYS A 57 -5.85 17.54 10.74
CA LYS A 57 -6.57 18.20 9.65
C LYS A 57 -7.90 18.83 10.07
N GLY A 58 -8.41 18.53 11.24
CA GLY A 58 -9.75 19.03 11.64
C GLY A 58 -10.85 18.11 11.15
N GLU A 59 -11.98 18.16 11.87
CA GLU A 59 -13.10 17.25 11.59
C GLU A 59 -13.74 17.54 10.24
N ALA A 60 -13.88 18.82 9.89
CA ALA A 60 -14.54 19.18 8.64
C ALA A 60 -13.87 18.51 7.45
N ALA A 61 -12.53 18.54 7.41
CA ALA A 61 -11.81 17.97 6.27
C ALA A 61 -11.85 16.45 6.27
N VAL A 62 -12.00 15.84 7.43
CA VAL A 62 -11.96 14.39 7.56
C VAL A 62 -13.33 13.75 7.30
N ARG A 63 -14.42 14.44 7.66
CA ARG A 63 -15.77 13.95 7.49
C ARG A 63 -16.34 14.34 6.13
N PRO A 64 -17.41 13.69 5.69
CA PRO A 64 -17.87 13.90 4.31
C PRO A 64 -18.61 15.22 4.17
N PRO A 65 -18.77 15.71 2.94
CA PRO A 65 -19.59 16.90 2.73
C PRO A 65 -21.07 16.60 2.96
N ALA A 66 -21.86 17.66 3.14
CA ALA A 66 -23.29 17.49 3.35
C ALA A 66 -24.00 16.97 2.10
N THR A 67 -23.38 17.13 0.93
CA THR A 67 -23.98 16.63 -0.30
C THR A 67 -24.03 15.11 -0.30
N SER A 68 -22.92 14.47 0.07
CA SER A 68 -22.84 13.02 0.09
C SER A 68 -23.29 12.41 1.42
N SER A 69 -23.51 13.25 2.43
CA SER A 69 -23.60 12.75 3.81
C SER A 69 -24.73 11.75 4.00
N ALA A 70 -25.85 11.93 3.30
CA ALA A 70 -26.99 11.03 3.51
C ALA A 70 -26.60 9.58 3.34
N ARG A 71 -25.82 9.27 2.30
CA ARG A 71 -25.48 7.90 1.97
C ARG A 71 -24.01 7.58 2.20
N PHE A 72 -23.27 8.45 2.89
CA PHE A 72 -21.86 8.19 3.23
C PHE A 72 -21.67 8.48 4.72
N ARG A 73 -21.75 7.44 5.53
CA ARG A 73 -21.63 7.52 6.96
C ARG A 73 -20.20 7.16 7.38
N ILE A 74 -19.64 7.91 8.33
CA ILE A 74 -18.40 7.54 9.00
C ILE A 74 -18.75 7.07 10.41
N GLU A 75 -18.22 5.92 10.80
CA GLU A 75 -18.38 5.41 12.15
C GLU A 75 -17.00 5.12 12.72
N VAL A 76 -16.88 5.22 14.05
CA VAL A 76 -15.61 5.08 14.74
C VAL A 76 -15.73 4.00 15.80
N ILE A 77 -14.76 3.09 15.82
CA ILE A 77 -14.75 2.01 16.79
C ILE A 77 -13.53 2.10 17.70
N ASP A 78 -13.71 1.63 18.93
CA ASP A 78 -12.61 1.51 19.87
C ASP A 78 -11.58 0.50 19.40
N ASP A 79 -10.30 0.77 19.79
CA ASP A 79 -9.20 -0.13 19.55
C ASP A 79 -8.21 -0.20 20.70
N GLY A 80 -8.39 0.57 21.76
CA GLY A 80 -7.47 0.48 22.88
C GLY A 80 -6.07 0.99 22.65
N LEU A 81 -5.83 1.63 21.51
CA LEU A 81 -4.49 2.11 21.16
C LEU A 81 -4.24 3.52 21.68
N SER A 82 -2.98 3.75 22.12
CA SER A 82 -2.52 5.10 22.32
C SER A 82 -2.27 5.75 20.96
N LEU A 83 -2.60 7.04 20.88
CA LEU A 83 -2.31 7.78 19.65
C LEU A 83 -0.81 7.93 19.42
N SER A 84 0.02 7.64 20.43
CA SER A 84 1.45 7.74 20.28
C SER A 84 2.07 6.54 19.58
N VAL A 85 1.32 5.47 19.34
CA VAL A 85 1.88 4.33 18.63
C VAL A 85 2.21 4.78 17.20
N PRO A 86 3.46 4.68 16.77
CA PRO A 86 3.79 5.18 15.44
C PRO A 86 3.46 4.16 14.37
N GLN A 87 3.35 4.67 13.14
CA GLN A 87 2.98 3.83 12.00
C GLN A 87 4.04 2.78 11.68
N ASN A 88 5.28 2.96 12.13
CA ASN A 88 6.29 1.93 11.91
C ASN A 88 6.22 0.80 12.92
N ASP A 89 5.38 0.92 13.96
CA ASP A 89 5.16 -0.16 14.91
C ASP A 89 3.99 -1.01 14.45
N VAL A 90 4.18 -1.66 13.30
CA VAL A 90 3.12 -2.45 12.69
C VAL A 90 2.63 -3.53 13.64
N GLY A 91 3.55 -4.23 14.32
CA GLY A 91 3.12 -5.30 15.20
C GLY A 91 2.27 -4.79 16.35
N GLY A 92 2.63 -3.62 16.91
CA GLY A 92 1.85 -3.08 17.99
C GLY A 92 0.45 -2.73 17.54
N LEU A 93 0.32 -2.15 16.34
CA LEU A 93 -0.99 -1.83 15.79
C LEU A 93 -1.78 -3.11 15.56
N VAL A 94 -1.17 -4.07 14.85
CA VAL A 94 -1.86 -5.31 14.49
C VAL A 94 -2.35 -6.05 15.72
N ASP A 95 -1.52 -6.11 16.76
CA ASP A 95 -1.92 -6.90 17.92
C ASP A 95 -3.07 -6.26 18.67
N SER A 96 -3.05 -4.93 18.81
CA SER A 96 -4.16 -4.29 19.53
C SER A 96 -5.46 -4.43 18.74
N LEU A 97 -5.39 -4.26 17.41
CA LEU A 97 -6.61 -4.28 16.62
C LEU A 97 -7.27 -5.65 16.70
N ARG A 98 -6.48 -6.73 16.58
CA ARG A 98 -7.07 -8.05 16.58
C ARG A 98 -7.60 -8.44 17.96
N LYS A 99 -7.06 -7.83 19.01
CA LYS A 99 -7.50 -8.16 20.36
C LYS A 99 -8.64 -7.30 20.83
N ASN A 100 -8.79 -6.08 20.32
CA ASN A 100 -9.68 -5.09 20.92
C ASN A 100 -10.84 -4.64 20.06
N CYS A 101 -10.81 -4.84 18.75
CA CYS A 101 -11.81 -4.24 17.90
C CYS A 101 -13.03 -5.11 17.64
N LEU A 102 -12.98 -6.41 17.93
CA LEU A 102 -14.10 -7.30 17.56
C LEU A 102 -15.38 -6.87 18.25
N HIS A 103 -15.35 -6.70 19.56
CA HIS A 103 -16.64 -6.44 20.21
C HIS A 103 -17.15 -5.03 19.92
N PRO A 104 -16.29 -4.02 19.82
CA PRO A 104 -16.79 -2.73 19.30
C PRO A 104 -17.44 -2.87 17.94
N PHE A 105 -16.86 -3.64 17.05
CA PHE A 105 -17.42 -3.77 15.70
C PHE A 105 -18.71 -4.57 15.73
N ARG A 106 -18.78 -5.62 16.55
CA ARG A 106 -20.04 -6.33 16.70
C ARG A 106 -21.14 -5.37 17.16
N ALA A 107 -20.80 -4.46 18.08
CA ALA A 107 -21.79 -3.50 18.58
C ALA A 107 -22.18 -2.51 17.49
N LEU A 108 -21.23 -2.10 16.65
CA LEU A 108 -21.56 -1.22 15.54
C LEU A 108 -22.56 -1.90 14.60
N LEU A 109 -22.31 -3.15 14.23
CA LEU A 109 -23.28 -3.86 13.38
C LEU A 109 -24.67 -3.87 14.03
N ARG A 110 -24.75 -4.16 15.34
CA ARG A 110 -26.05 -4.17 16.00
C ARG A 110 -26.73 -2.82 15.89
N ARG A 111 -25.97 -1.74 16.07
CA ARG A 111 -26.54 -0.41 16.02
C ARG A 111 -27.03 -0.09 14.62
N LEU A 112 -26.26 -0.44 13.60
CA LEU A 112 -26.72 -0.21 12.23
C LEU A 112 -28.00 -0.97 11.96
N GLY A 113 -28.13 -2.17 12.55
CA GLY A 113 -29.37 -2.92 12.40
C GLY A 113 -30.53 -2.25 13.11
N GLN A 114 -30.26 -1.66 14.28
CA GLN A 114 -31.34 -0.97 15.00
C GLN A 114 -31.80 0.29 14.28
N GLU A 115 -30.90 0.92 13.53
CA GLU A 115 -31.22 2.13 12.80
C GLU A 115 -32.17 1.85 11.64
N VAL A 116 -32.35 0.59 11.24
CA VAL A 116 -33.31 0.28 10.19
C VAL A 116 -34.71 0.71 10.63
N GLU A 117 -35.14 0.24 11.79
CA GLU A 117 -36.42 0.67 12.34
C GLU A 117 -36.32 2.07 12.93
N GLY A 118 -35.20 2.40 13.56
CA GLY A 118 -35.10 3.65 14.28
C GLY A 118 -35.09 4.88 13.40
N GLN A 119 -34.59 4.76 12.18
CA GLN A 119 -34.50 5.92 11.31
C GLN A 119 -34.66 5.55 9.83
N ASP A 120 -35.24 4.38 9.54
CA ASP A 120 -35.48 3.93 8.17
C ASP A 120 -34.17 3.82 7.39
N ALA A 121 -33.10 3.41 8.06
CA ALA A 121 -31.84 3.18 7.39
C ALA A 121 -31.87 1.87 6.64
N PRO A 122 -31.06 1.73 5.59
CA PRO A 122 -31.00 0.45 4.88
C PRO A 122 -30.27 -0.61 5.69
N PRO A 123 -30.80 -1.83 5.75
CA PRO A 123 -30.05 -2.93 6.38
C PRO A 123 -28.68 -3.10 5.73
N VAL A 124 -27.69 -3.48 6.53
CA VAL A 124 -26.37 -3.79 5.99
C VAL A 124 -26.47 -5.04 5.13
N THR A 125 -25.93 -4.97 3.92
CA THR A 125 -25.97 -6.09 3.00
C THR A 125 -24.61 -6.69 2.65
N CYS A 126 -23.51 -6.00 2.95
CA CYS A 126 -22.19 -6.57 2.72
C CYS A 126 -21.17 -5.83 3.59
N VAL A 127 -20.19 -6.58 4.09
CA VAL A 127 -19.03 -6.02 4.75
C VAL A 127 -17.82 -6.26 3.83
N VAL A 128 -17.03 -5.21 3.61
CA VAL A 128 -15.77 -5.34 2.87
C VAL A 128 -14.68 -5.03 3.88
N GLY A 129 -13.99 -6.07 4.33
CA GLY A 129 -12.91 -5.92 5.29
C GLY A 129 -11.56 -6.00 4.59
N ASP A 130 -10.66 -5.09 4.96
CA ASP A 130 -9.24 -5.32 4.72
C ASP A 130 -8.87 -6.69 5.29
N VAL A 131 -8.13 -7.48 4.53
CA VAL A 131 -7.71 -8.80 4.99
C VAL A 131 -7.10 -8.72 6.39
N VAL A 132 -6.36 -7.65 6.68
CA VAL A 132 -5.76 -7.52 8.01
C VAL A 132 -6.81 -7.53 9.10
N MET A 133 -7.96 -6.94 8.83
CA MET A 133 -8.97 -6.68 9.87
C MET A 133 -9.91 -7.88 9.99
N THR A 134 -9.33 -8.99 10.48
CA THR A 134 -10.05 -10.26 10.51
C THR A 134 -11.32 -10.20 11.36
N PHE A 135 -11.37 -9.29 12.34
CA PHE A 135 -12.58 -9.20 13.16
C PHE A 135 -13.79 -8.80 12.31
N ALA A 136 -13.56 -8.08 11.20
CA ALA A 136 -14.69 -7.64 10.37
C ALA A 136 -15.39 -8.84 9.75
N ALA A 137 -14.61 -9.81 9.25
CA ALA A 137 -15.18 -11.03 8.69
C ALA A 137 -15.83 -11.87 9.77
N ALA A 138 -15.19 -12.01 10.92
CA ALA A 138 -15.77 -12.81 12.00
C ALA A 138 -17.12 -12.25 12.41
N ALA A 139 -17.22 -10.93 12.55
CA ALA A 139 -18.46 -10.30 13.00
C ALA A 139 -19.54 -10.40 11.94
N ALA A 140 -19.16 -10.22 10.67
CA ALA A 140 -20.12 -10.34 9.58
C ALA A 140 -20.68 -11.76 9.53
N ARG A 141 -19.81 -12.77 9.61
CA ARG A 141 -20.27 -14.16 9.59
C ARG A 141 -21.22 -14.45 10.74
N GLU A 142 -20.91 -13.96 11.94
CA GLU A 142 -21.78 -14.18 13.07
C GLU A 142 -23.18 -13.62 12.81
N ALA A 143 -23.24 -12.46 12.19
CA ALA A 143 -24.49 -11.75 11.93
C ALA A 143 -25.19 -12.21 10.66
N GLY A 144 -24.59 -13.14 9.93
CA GLY A 144 -25.18 -13.61 8.68
C GLY A 144 -25.13 -12.61 7.56
N ILE A 145 -24.15 -11.72 7.56
CA ILE A 145 -23.99 -10.71 6.53
C ILE A 145 -22.85 -11.17 5.62
N PRO A 146 -23.05 -11.21 4.31
CA PRO A 146 -21.95 -11.55 3.40
C PRO A 146 -20.75 -10.64 3.62
N GLU A 147 -19.57 -11.21 3.44
CA GLU A 147 -18.35 -10.42 3.53
C GLU A 147 -17.40 -10.81 2.41
N VAL A 148 -16.77 -9.78 1.86
CA VAL A 148 -15.81 -9.85 0.76
C VAL A 148 -14.56 -9.14 1.27
N GLN A 149 -13.41 -9.76 1.08
CA GLN A 149 -12.18 -9.17 1.60
C GLN A 149 -11.37 -8.48 0.53
N PHE A 150 -10.60 -7.50 0.97
CA PHE A 150 -9.77 -6.67 0.10
C PHE A 150 -8.36 -6.76 0.66
N PHE A 151 -7.46 -7.40 -0.07
CA PHE A 151 -6.05 -7.40 0.25
C PHE A 151 -5.48 -6.18 -0.46
N THR A 152 -4.80 -5.29 0.29
CA THR A 152 -4.47 -3.98 -0.23
C THR A 152 -3.08 -3.89 -0.85
N ALA A 153 -2.32 -4.99 -0.86
CA ALA A 153 -1.00 -4.99 -1.47
C ALA A 153 -0.94 -5.85 -2.73
N SER A 154 0.26 -6.25 -3.11
CA SER A 154 0.42 -6.96 -4.38
C SER A 154 0.00 -8.41 -4.27
N ALA A 155 -0.29 -9.00 -5.43
CA ALA A 155 -0.53 -10.44 -5.44
C ALA A 155 0.70 -11.21 -5.01
N CYS A 156 1.88 -10.79 -5.46
CA CYS A 156 3.10 -11.49 -5.05
C CYS A 156 3.29 -11.40 -3.53
N GLY A 157 2.95 -10.26 -2.94
CA GLY A 157 3.01 -10.15 -1.48
C GLY A 157 2.07 -11.13 -0.81
N LEU A 158 0.83 -11.23 -1.31
CA LEU A 158 -0.10 -12.20 -0.75
C LEU A 158 0.44 -13.60 -0.86
N LEU A 159 1.04 -13.93 -2.01
CA LEU A 159 1.62 -15.25 -2.17
C LEU A 159 2.70 -15.51 -1.14
N GLY A 160 3.50 -14.49 -0.84
CA GLY A 160 4.51 -14.64 0.21
C GLY A 160 3.88 -14.91 1.56
N TYR A 161 2.90 -14.10 1.95
CA TYR A 161 2.25 -14.29 3.25
C TYR A 161 1.56 -15.65 3.33
N LEU A 162 0.96 -16.11 2.21
CA LEU A 162 0.31 -17.39 2.18
C LEU A 162 1.26 -18.53 2.50
N HIS A 163 2.54 -18.34 2.25
CA HIS A 163 3.55 -19.36 2.49
C HIS A 163 4.31 -19.17 3.80
N TYR A 164 3.85 -18.29 4.68
CA TYR A 164 4.46 -18.22 6.01
C TYR A 164 4.30 -19.56 6.73
N GLY A 165 3.15 -20.20 6.60
CA GLY A 165 2.97 -21.51 7.22
C GLY A 165 3.98 -22.53 6.77
N GLU A 166 4.28 -22.54 5.48
CA GLU A 166 5.29 -23.45 4.97
C GLU A 166 6.67 -23.10 5.48
N LEU A 167 6.98 -21.79 5.68
CA LEU A 167 8.25 -21.45 6.31
C LEU A 167 8.35 -22.06 7.70
N VAL A 168 7.27 -22.00 8.47
CA VAL A 168 7.25 -22.61 9.79
C VAL A 168 7.43 -24.11 9.70
N GLU A 169 6.72 -24.75 8.77
CA GLU A 169 6.84 -26.20 8.67
C GLU A 169 8.26 -26.62 8.35
N ARG A 170 8.96 -25.84 7.53
CA ARG A 170 10.33 -26.15 7.13
C ARG A 170 11.37 -25.62 8.13
N GLY A 171 10.95 -25.18 9.32
CA GLY A 171 11.87 -24.74 10.35
C GLY A 171 12.57 -23.43 10.10
N LEU A 172 12.13 -22.67 9.10
CA LEU A 172 12.76 -21.41 8.74
C LEU A 172 12.24 -20.24 9.54
N VAL A 173 11.04 -20.39 10.08
CA VAL A 173 10.44 -19.40 10.97
C VAL A 173 9.97 -20.15 12.21
N PRO A 174 10.25 -19.67 13.42
CA PRO A 174 11.19 -18.57 13.68
C PRO A 174 12.62 -18.93 13.28
N PHE A 175 13.47 -17.93 13.19
CA PHE A 175 14.89 -18.17 12.96
C PHE A 175 15.48 -18.76 14.23
N ARG A 176 16.08 -19.94 14.11
CA ARG A 176 16.71 -20.58 15.26
C ARG A 176 18.05 -19.96 15.59
N ASP A 177 18.63 -19.20 14.68
CA ASP A 177 19.93 -18.55 14.88
C ASP A 177 19.73 -17.06 14.65
N ALA A 178 19.82 -16.27 15.73
CA ALA A 178 19.60 -14.84 15.59
C ALA A 178 20.63 -14.18 14.68
N SER A 179 21.84 -14.75 14.55
CA SER A 179 22.86 -14.18 13.70
C SER A 179 22.53 -14.30 12.23
N LEU A 180 21.51 -15.11 11.89
CA LEU A 180 21.12 -15.27 10.49
C LEU A 180 20.08 -14.25 10.06
N LEU A 181 19.49 -13.51 10.99
CA LEU A 181 18.43 -12.57 10.65
C LEU A 181 18.86 -11.55 9.61
N ALA A 182 20.13 -11.12 9.65
CA ALA A 182 20.64 -10.14 8.71
C ALA A 182 21.87 -10.67 7.97
N ASP A 183 22.00 -11.98 7.87
CA ASP A 183 23.10 -12.60 7.13
C ASP A 183 22.72 -12.60 5.66
N ASP A 184 23.43 -11.81 4.86
CA ASP A 184 23.02 -11.64 3.48
C ASP A 184 23.14 -12.93 2.67
N ASP A 185 24.11 -13.78 2.97
CA ASP A 185 24.19 -15.02 2.23
C ASP A 185 23.02 -15.95 2.57
N TYR A 186 22.69 -16.06 3.87
CA TYR A 186 21.55 -16.89 4.24
C TYR A 186 20.26 -16.35 3.65
N LEU A 187 20.09 -15.04 3.70
CA LEU A 187 18.88 -14.43 3.15
C LEU A 187 18.77 -14.61 1.64
N ASP A 188 19.87 -14.81 0.94
CA ASP A 188 19.85 -15.10 -0.50
C ASP A 188 19.33 -16.51 -0.83
N THR A 189 19.13 -17.38 0.16
CA THR A 189 18.80 -18.79 -0.08
C THR A 189 17.55 -18.90 -0.94
N PRO A 190 17.61 -19.59 -2.08
CA PRO A 190 16.40 -19.83 -2.87
C PRO A 190 15.39 -20.71 -2.16
N LEU A 191 14.11 -20.35 -2.31
CA LEU A 191 12.98 -21.16 -1.88
C LEU A 191 12.32 -21.60 -3.18
N GLU A 192 12.64 -22.80 -3.64
CA GLU A 192 12.19 -23.23 -4.96
C GLU A 192 10.79 -23.81 -4.96
N TRP A 193 10.08 -23.80 -3.84
CA TRP A 193 8.80 -24.48 -3.68
C TRP A 193 7.60 -23.55 -3.71
N VAL A 194 7.77 -22.26 -3.98
CA VAL A 194 6.66 -21.32 -3.98
C VAL A 194 6.02 -21.36 -5.37
N PRO A 195 4.78 -21.84 -5.52
CA PRO A 195 4.15 -21.84 -6.85
C PRO A 195 3.97 -20.41 -7.33
N GLY A 196 4.25 -20.21 -8.63
CA GLY A 196 4.08 -18.91 -9.25
C GLY A 196 5.24 -17.98 -9.08
N MET A 197 6.22 -18.31 -8.23
CA MET A 197 7.38 -17.47 -8.01
C MET A 197 8.58 -18.38 -7.72
N SER A 198 9.03 -19.10 -8.76
CA SER A 198 10.08 -20.10 -8.60
C SER A 198 11.39 -19.48 -8.18
N HIS A 199 11.56 -18.18 -8.42
CA HIS A 199 12.76 -17.43 -8.10
C HIS A 199 12.70 -16.74 -6.74
N MET A 200 11.72 -17.08 -5.91
CA MET A 200 11.68 -16.58 -4.55
C MET A 200 12.93 -16.98 -3.79
N ARG A 201 13.52 -16.03 -3.08
CA ARG A 201 14.55 -16.25 -2.07
C ARG A 201 13.97 -15.92 -0.70
N LEU A 202 14.67 -16.35 0.36
CA LEU A 202 14.19 -16.05 1.70
C LEU A 202 14.02 -14.55 1.92
N ARG A 203 14.95 -13.73 1.42
CA ARG A 203 14.83 -12.28 1.58
C ARG A 203 13.65 -11.69 0.83
N ASP A 204 13.16 -12.40 -0.19
CA ASP A 204 12.06 -11.86 -1.00
C ASP A 204 10.72 -12.09 -0.32
N MET A 205 10.65 -12.99 0.66
CA MET A 205 9.43 -13.14 1.42
C MET A 205 9.16 -11.85 2.19
N PRO A 206 7.90 -11.52 2.44
CA PRO A 206 7.63 -10.32 3.24
C PRO A 206 8.39 -10.36 4.54
N THR A 207 8.91 -9.20 4.96
CA THR A 207 10.03 -9.17 5.91
C THR A 207 9.66 -9.63 7.32
N PHE A 208 8.38 -9.70 7.66
CA PHE A 208 8.01 -10.05 9.03
C PHE A 208 8.38 -11.48 9.40
N CYS A 209 8.74 -12.31 8.43
CA CYS A 209 9.22 -13.66 8.74
C CYS A 209 10.56 -13.63 9.46
N ARG A 210 11.28 -12.51 9.40
CA ARG A 210 12.63 -12.41 9.96
C ARG A 210 12.51 -12.13 11.45
N THR A 211 12.19 -13.18 12.19
CA THR A 211 11.97 -13.09 13.62
C THR A 211 12.48 -14.36 14.29
N THR A 212 13.04 -14.22 15.50
CA THR A 212 13.34 -15.38 16.34
C THR A 212 12.25 -15.73 17.34
N ASP A 213 11.17 -14.96 17.37
CA ASP A 213 10.15 -15.10 18.40
C ASP A 213 9.09 -16.12 17.97
N PRO A 214 8.94 -17.25 18.67
CA PRO A 214 7.88 -18.19 18.29
C PRO A 214 6.48 -17.63 18.47
N ASP A 215 6.31 -16.58 19.26
CA ASP A 215 5.01 -15.94 19.46
C ASP A 215 4.92 -14.60 18.73
N ASP A 216 5.73 -14.40 17.70
CA ASP A 216 5.75 -13.13 16.99
C ASP A 216 4.34 -12.76 16.53
N VAL A 217 3.97 -11.50 16.74
CA VAL A 217 2.64 -11.02 16.41
C VAL A 217 2.40 -11.11 14.90
N MET A 218 3.33 -10.61 14.11
CA MET A 218 3.05 -10.48 12.68
C MET A 218 2.93 -11.84 12.01
N VAL A 219 3.76 -12.83 12.40
CA VAL A 219 3.60 -14.18 11.84
C VAL A 219 2.25 -14.76 12.26
N SER A 220 1.90 -14.65 13.54
CA SER A 220 0.64 -15.18 14.03
C SER A 220 -0.54 -14.54 13.32
N ALA A 221 -0.51 -13.21 13.22
CA ALA A 221 -1.61 -12.49 12.59
C ALA A 221 -1.72 -12.85 11.11
N THR A 222 -0.57 -13.02 10.43
CA THR A 222 -0.64 -13.40 9.02
C THR A 222 -1.32 -14.74 8.85
N LEU A 223 -1.02 -15.70 9.72
CA LEU A 223 -1.69 -17.00 9.62
C LEU A 223 -3.19 -16.84 9.81
N GLN A 224 -3.60 -16.03 10.78
CA GLN A 224 -5.02 -15.78 10.98
C GLN A 224 -5.64 -15.13 9.76
N GLN A 225 -4.94 -14.16 9.16
CA GLN A 225 -5.45 -13.47 7.99
C GLN A 225 -5.66 -14.41 6.82
N MET A 226 -4.74 -15.33 6.59
CA MET A 226 -4.86 -16.25 5.46
C MET A 226 -6.03 -17.18 5.66
N GLU A 227 -6.21 -17.69 6.87
CA GLU A 227 -7.35 -18.55 7.16
C GLU A 227 -8.65 -17.80 6.99
N SER A 228 -8.70 -16.54 7.45
CA SER A 228 -9.87 -15.69 7.28
C SER A 228 -10.21 -15.46 5.81
N ALA A 229 -9.23 -15.03 5.04
CA ALA A 229 -9.48 -14.70 3.64
C ALA A 229 -9.90 -15.94 2.85
N ALA A 230 -9.37 -17.11 3.21
CA ALA A 230 -9.75 -18.32 2.49
C ALA A 230 -11.23 -18.60 2.62
N GLY A 231 -11.87 -18.13 3.68
CA GLY A 231 -13.28 -18.34 3.94
C GLY A 231 -14.22 -17.26 3.47
N SER A 232 -13.72 -16.22 2.81
CA SER A 232 -14.51 -15.09 2.37
C SER A 232 -15.34 -15.44 1.13
N LYS A 233 -16.30 -14.56 0.81
CA LYS A 233 -17.11 -14.78 -0.39
C LYS A 233 -16.27 -14.59 -1.65
N ALA A 234 -15.31 -13.64 -1.61
CA ALA A 234 -14.45 -13.35 -2.74
C ALA A 234 -13.29 -12.51 -2.20
N LEU A 235 -12.27 -12.36 -3.03
CA LEU A 235 -11.09 -11.59 -2.67
C LEU A 235 -10.83 -10.55 -3.74
N ILE A 236 -10.70 -9.30 -3.34
CA ILE A 236 -10.35 -8.20 -4.24
C ILE A 236 -8.86 -7.94 -4.10
N LEU A 237 -8.16 -7.88 -5.23
CA LEU A 237 -6.74 -7.53 -5.31
C LEU A 237 -6.61 -6.34 -6.25
N ASN A 238 -5.99 -5.27 -5.77
CA ASN A 238 -5.79 -4.05 -6.55
C ASN A 238 -4.50 -4.19 -7.35
N THR A 239 -4.53 -5.11 -8.29
CA THR A 239 -3.39 -5.34 -9.17
C THR A 239 -3.87 -5.60 -10.58
N LEU A 240 -2.91 -5.58 -11.50
CA LEU A 240 -3.16 -5.86 -12.91
C LEU A 240 -2.88 -7.32 -13.16
N TYR A 241 -3.89 -8.05 -13.64
CA TYR A 241 -3.70 -9.47 -13.87
C TYR A 241 -2.52 -9.72 -14.80
N GLU A 242 -2.39 -8.93 -15.87
CA GLU A 242 -1.29 -9.17 -16.82
C GLU A 242 0.07 -9.06 -16.15
N LEU A 243 0.20 -8.11 -15.22
CA LEU A 243 1.45 -7.90 -14.51
C LEU A 243 1.80 -9.08 -13.62
N GLU A 244 0.80 -9.65 -12.94
CA GLU A 244 1.05 -10.66 -11.92
C GLU A 244 0.42 -12.00 -12.27
N LYS A 245 0.31 -12.30 -13.56
CA LYS A 245 -0.45 -13.48 -14.01
C LYS A 245 -0.01 -14.78 -13.33
N ASP A 246 1.29 -15.06 -13.31
CA ASP A 246 1.75 -16.34 -12.80
C ASP A 246 1.41 -16.47 -11.30
N VAL A 247 1.57 -15.40 -10.57
CA VAL A 247 1.25 -15.39 -9.14
C VAL A 247 -0.25 -15.53 -8.91
N VAL A 248 -1.07 -14.75 -9.63
CA VAL A 248 -2.52 -14.85 -9.44
C VAL A 248 -3.00 -16.26 -9.75
N ASP A 249 -2.48 -16.88 -10.82
CA ASP A 249 -2.92 -18.23 -11.13
C ASP A 249 -2.55 -19.22 -10.03
N ALA A 250 -1.42 -18.99 -9.34
CA ALA A 250 -1.04 -19.85 -8.24
C ALA A 250 -1.90 -19.57 -7.01
N LEU A 251 -2.30 -18.32 -6.81
CA LEU A 251 -3.15 -17.98 -5.68
C LEU A 251 -4.53 -18.57 -5.81
N ALA A 252 -5.00 -18.79 -7.04
CA ALA A 252 -6.38 -19.19 -7.24
C ALA A 252 -6.77 -20.45 -6.45
N ALA A 253 -5.85 -21.40 -6.26
CA ALA A 253 -6.17 -22.64 -5.57
C ALA A 253 -6.44 -22.46 -4.09
N PHE A 254 -6.09 -21.31 -3.51
CA PHE A 254 -6.10 -21.16 -2.05
C PHE A 254 -7.12 -20.19 -1.53
N PHE A 255 -7.86 -19.53 -2.39
CA PHE A 255 -8.77 -18.47 -2.01
C PHE A 255 -10.11 -18.60 -2.72
N PRO A 256 -11.14 -17.90 -2.25
CA PRO A 256 -12.37 -17.76 -3.06
C PRO A 256 -12.05 -17.06 -4.37
N PRO A 257 -13.04 -16.90 -5.24
CA PRO A 257 -12.78 -16.20 -6.50
C PRO A 257 -12.09 -14.85 -6.29
N ILE A 258 -11.06 -14.61 -7.10
CA ILE A 258 -10.22 -13.42 -7.01
C ILE A 258 -10.57 -12.46 -8.13
N TYR A 259 -10.80 -11.21 -7.79
CA TYR A 259 -11.06 -10.13 -8.71
C TYR A 259 -9.86 -9.18 -8.71
N THR A 260 -9.18 -9.09 -9.85
CA THR A 260 -8.07 -8.16 -10.02
C THR A 260 -8.61 -6.87 -10.62
N VAL A 261 -8.50 -5.78 -9.88
CA VAL A 261 -9.16 -4.53 -10.20
C VAL A 261 -8.19 -3.38 -10.44
N GLY A 262 -6.89 -3.67 -10.55
CA GLY A 262 -5.91 -2.61 -10.49
C GLY A 262 -5.57 -1.97 -11.82
N PRO A 263 -5.17 -0.69 -11.79
CA PRO A 263 -5.16 0.21 -10.63
C PRO A 263 -6.56 0.76 -10.42
N LEU A 264 -7.14 0.48 -9.26
CA LEU A 264 -8.55 0.84 -9.05
C LEU A 264 -8.77 2.32 -9.27
N ALA A 265 -7.85 3.17 -8.82
CA ALA A 265 -8.06 4.62 -8.95
C ALA A 265 -8.13 5.03 -10.41
N GLU A 266 -7.43 4.32 -11.28
CA GLU A 266 -7.48 4.61 -12.71
C GLU A 266 -8.74 4.07 -13.35
N VAL A 267 -9.23 2.89 -12.94
CA VAL A 267 -10.52 2.41 -13.41
C VAL A 267 -11.58 3.45 -13.13
N ILE A 268 -11.58 3.98 -11.90
CA ILE A 268 -12.57 4.97 -11.52
C ILE A 268 -12.43 6.23 -12.37
N ALA A 269 -11.20 6.69 -12.57
CA ALA A 269 -10.96 7.90 -13.34
C ALA A 269 -11.46 7.77 -14.77
N SER A 270 -11.26 6.61 -15.40
CA SER A 270 -11.80 6.41 -16.73
C SER A 270 -13.32 6.53 -16.72
N SER A 271 -13.97 6.08 -15.65
CA SER A 271 -15.42 6.11 -15.54
C SER A 271 -16.03 5.36 -16.73
N ALA A 280 -13.11 14.88 -1.40
CA ALA A 280 -13.87 15.65 -0.43
C ALA A 280 -13.58 15.18 0.99
N MET A 281 -12.69 14.20 1.12
CA MET A 281 -12.35 13.61 2.41
C MET A 281 -10.84 13.41 2.49
N ASP A 282 -10.22 14.02 3.49
CA ASP A 282 -8.77 13.94 3.67
C ASP A 282 -8.48 12.70 4.50
N ILE A 283 -7.65 11.81 3.97
CA ILE A 283 -7.33 10.57 4.65
C ILE A 283 -5.91 10.57 5.22
N SER A 284 -5.20 11.69 5.15
CA SER A 284 -3.80 11.73 5.54
C SER A 284 -3.58 12.66 6.72
N ILE A 285 -2.62 12.29 7.57
CA ILE A 285 -2.16 13.22 8.61
C ILE A 285 -1.17 14.26 8.09
N TRP A 286 -0.71 14.12 6.85
CA TRP A 286 0.28 15.03 6.27
C TRP A 286 -0.35 15.94 5.22
N GLN A 287 0.22 17.13 5.07
CA GLN A 287 -0.28 18.11 4.10
C GLN A 287 0.53 18.04 2.81
N GLU A 288 -0.15 17.75 1.71
CA GLU A 288 0.52 17.67 0.41
C GLU A 288 1.05 19.05 0.02
N ASP A 289 2.34 19.11 -0.36
CA ASP A 289 2.99 20.38 -0.62
C ASP A 289 2.60 20.86 -2.01
N THR A 290 2.03 22.07 -2.08
CA THR A 290 1.54 22.59 -3.35
C THR A 290 2.66 23.11 -4.25
N ARG A 291 3.85 23.39 -3.70
CA ARG A 291 4.92 23.92 -4.53
C ARG A 291 5.55 22.88 -5.46
N CYS A 292 5.30 21.59 -5.22
CA CYS A 292 5.96 20.52 -5.98
C CYS A 292 5.75 20.66 -7.48
N LEU A 293 4.49 20.77 -7.89
CA LEU A 293 4.15 20.69 -9.30
C LEU A 293 4.66 21.91 -10.05
N SER A 294 4.58 23.09 -9.44
CA SER A 294 5.10 24.29 -10.11
C SER A 294 6.62 24.27 -10.19
N TRP A 295 7.29 23.72 -9.18
CA TRP A 295 8.72 23.55 -9.26
C TRP A 295 9.09 22.60 -10.41
N LEU A 296 8.38 21.48 -10.53
CA LEU A 296 8.64 20.56 -11.64
C LEU A 296 8.41 21.23 -12.99
N ASP A 297 7.44 22.15 -13.07
CA ASP A 297 7.18 22.83 -14.33
C ASP A 297 8.42 23.54 -14.86
N GLY A 298 9.33 23.94 -13.97
CA GLY A 298 10.54 24.63 -14.35
C GLY A 298 11.71 23.74 -14.73
N LYS A 299 11.52 22.43 -14.80
CA LYS A 299 12.58 21.49 -15.09
C LYS A 299 12.35 20.77 -16.41
N PRO A 300 13.42 20.40 -17.11
CA PRO A 300 13.25 19.74 -18.40
C PRO A 300 12.60 18.36 -18.30
N ALA A 301 11.99 17.96 -19.41
CA ALA A 301 11.32 16.66 -19.46
C ALA A 301 12.28 15.55 -19.08
N GLY A 302 11.82 14.69 -18.16
CA GLY A 302 12.55 13.51 -17.81
C GLY A 302 13.76 13.73 -16.96
N SER A 303 13.97 14.93 -16.45
CA SER A 303 15.24 15.25 -15.82
C SER A 303 15.29 14.99 -14.32
N VAL A 304 14.14 14.85 -13.65
CA VAL A 304 14.09 14.91 -12.19
C VAL A 304 14.01 13.51 -11.60
N VAL A 305 14.83 13.27 -10.60
CA VAL A 305 14.73 12.07 -9.75
C VAL A 305 13.78 12.38 -8.59
N TYR A 306 12.69 11.62 -8.51
CA TYR A 306 11.68 11.77 -7.45
C TYR A 306 11.88 10.67 -6.42
N VAL A 307 11.98 11.05 -5.14
CA VAL A 307 12.29 10.11 -4.06
C VAL A 307 11.17 10.15 -3.04
N ASN A 308 10.63 9.00 -2.68
CA ASN A 308 9.57 8.96 -1.66
C ASN A 308 9.48 7.57 -1.08
N PHE A 309 9.26 7.50 0.23
CA PHE A 309 9.26 6.24 0.96
C PHE A 309 7.94 5.95 1.67
N GLY A 310 6.84 6.56 1.23
CA GLY A 310 5.53 6.18 1.73
C GLY A 310 5.24 6.75 3.11
N SER A 311 4.26 6.15 3.75
CA SER A 311 3.63 6.69 4.94
C SER A 311 3.96 5.99 6.23
N MET A 312 4.70 4.89 6.19
CA MET A 312 4.96 4.10 7.41
C MET A 312 6.43 3.94 7.74
N ALA A 313 7.27 3.70 6.74
CA ALA A 313 8.65 3.31 7.00
C ALA A 313 9.46 4.45 7.58
N VAL A 314 10.48 4.08 8.35
CA VAL A 314 11.48 4.98 8.90
C VAL A 314 12.84 4.44 8.55
N MET A 315 13.82 5.34 8.54
CA MET A 315 15.20 4.99 8.26
C MET A 315 16.08 5.61 9.33
N THR A 316 17.34 5.18 9.33
CA THR A 316 18.28 5.74 10.28
C THR A 316 18.82 7.07 9.79
N ALA A 317 19.36 7.86 10.74
CA ALA A 317 19.98 9.13 10.36
C ALA A 317 21.16 8.91 9.41
N ALA A 318 21.89 7.81 9.59
CA ALA A 318 23.00 7.52 8.70
C ALA A 318 22.52 7.20 7.29
N GLN A 319 21.48 6.37 7.19
CA GLN A 319 20.87 6.12 5.89
C GLN A 319 20.40 7.42 5.26
N ALA A 320 19.75 8.29 6.02
CA ALA A 320 19.28 9.55 5.47
C ALA A 320 20.45 10.39 4.96
N ARG A 321 21.56 10.41 5.70
CA ARG A 321 22.71 11.21 5.26
C ARG A 321 23.30 10.66 3.97
N GLU A 322 23.35 9.34 3.83
CA GLU A 322 23.89 8.75 2.60
C GLU A 322 22.96 9.00 1.41
N PHE A 323 21.64 8.92 1.62
CA PHE A 323 20.73 9.30 0.54
C PHE A 323 20.93 10.75 0.14
N ALA A 324 21.10 11.65 1.13
CA ALA A 324 21.25 13.05 0.80
C ALA A 324 22.53 13.29 0.00
N LEU A 325 23.63 12.67 0.41
CA LEU A 325 24.89 12.84 -0.30
C LEU A 325 24.82 12.19 -1.67
N GLY A 326 24.14 11.04 -1.76
CA GLY A 326 23.96 10.41 -3.06
C GLY A 326 23.19 11.27 -4.02
N LEU A 327 22.10 11.88 -3.56
CA LEU A 327 21.34 12.77 -4.42
C LEU A 327 22.19 13.96 -4.84
N ALA A 328 22.99 14.51 -3.94
CA ALA A 328 23.79 15.69 -4.31
C ALA A 328 24.87 15.34 -5.34
N SER A 329 25.28 14.08 -5.40
CA SER A 329 26.35 13.68 -6.28
C SER A 329 25.87 12.91 -7.52
N CYS A 330 24.55 12.80 -7.73
CA CYS A 330 24.02 11.89 -8.75
C CYS A 330 23.93 12.49 -10.14
N GLY A 331 24.13 13.81 -10.30
CA GLY A 331 24.06 14.41 -11.63
C GLY A 331 22.72 14.87 -12.11
N SER A 332 21.65 14.69 -11.32
CA SER A 332 20.32 15.09 -11.73
C SER A 332 19.65 16.00 -10.71
N PRO A 333 18.77 16.91 -11.16
CA PRO A 333 17.89 17.58 -10.20
C PRO A 333 17.00 16.55 -9.52
N PHE A 334 16.50 16.91 -8.34
CA PHE A 334 15.73 15.92 -7.57
C PHE A 334 14.64 16.60 -6.77
N LEU A 335 13.57 15.83 -6.56
CA LEU A 335 12.47 16.18 -5.67
C LEU A 335 12.42 15.08 -4.62
N TRP A 336 12.80 15.40 -3.40
CA TRP A 336 12.86 14.44 -2.32
C TRP A 336 11.73 14.75 -1.35
N VAL A 337 10.77 13.84 -1.25
CA VAL A 337 9.76 13.91 -0.20
C VAL A 337 10.36 13.23 1.02
N LYS A 338 10.70 14.03 2.02
CA LYS A 338 11.33 13.59 3.26
C LYS A 338 10.27 13.77 4.34
N ARG A 339 9.49 12.70 4.57
CA ARG A 339 8.39 12.78 5.52
C ARG A 339 8.91 13.28 6.86
N PRO A 340 8.16 14.13 7.55
CA PRO A 340 8.75 14.78 8.74
C PRO A 340 9.24 13.84 9.83
N ASP A 341 8.68 12.64 9.94
CA ASP A 341 9.13 11.68 10.94
C ASP A 341 9.81 10.46 10.33
N VAL A 342 10.37 10.59 9.12
CA VAL A 342 10.97 9.43 8.47
C VAL A 342 12.29 9.02 9.09
N VAL A 343 12.99 9.91 9.78
CA VAL A 343 14.30 9.60 10.32
C VAL A 343 14.18 9.32 11.80
N GLU A 344 14.63 8.14 12.20
CA GLU A 344 14.70 7.79 13.62
C GLU A 344 15.68 8.71 14.33
N GLY A 345 15.33 9.12 15.54
CA GLY A 345 16.24 9.90 16.36
C GLY A 345 16.07 11.39 16.21
N GLU A 346 16.98 12.11 16.87
CA GLU A 346 16.94 13.56 16.89
C GLU A 346 17.21 14.12 15.50
N GLU A 347 16.71 15.33 15.26
CA GLU A 347 16.90 15.98 13.97
C GLU A 347 18.38 16.21 13.69
N VAL A 348 18.81 15.77 12.51
CA VAL A 348 20.16 15.98 12.00
C VAL A 348 20.04 16.84 10.74
N LEU A 349 20.87 17.86 10.64
CA LEU A 349 20.81 18.74 9.48
C LEU A 349 21.24 18.00 8.22
N LEU A 350 20.71 18.44 7.09
CA LEU A 350 21.09 17.89 5.79
C LEU A 350 22.50 18.36 5.42
N PRO A 351 23.21 17.61 4.59
CA PRO A 351 24.58 18.00 4.25
C PRO A 351 24.63 19.30 3.45
N GLU A 352 25.76 19.99 3.57
CA GLU A 352 25.89 21.29 2.91
C GLU A 352 25.73 21.17 1.41
N ALA A 353 26.26 20.11 0.81
CA ALA A 353 26.17 19.96 -0.64
C ALA A 353 24.72 19.92 -1.10
N LEU A 354 23.85 19.24 -0.35
CA LEU A 354 22.45 19.19 -0.74
C LEU A 354 21.75 20.52 -0.49
N LEU A 355 22.02 21.14 0.66
CA LEU A 355 21.40 22.43 0.97
C LEU A 355 21.76 23.46 -0.08
N ASP A 356 23.01 23.44 -0.56
CA ASP A 356 23.40 24.39 -1.59
C ASP A 356 22.68 24.10 -2.90
N GLU A 357 22.46 22.83 -3.21
CA GLU A 357 21.71 22.50 -4.42
C GLU A 357 20.27 22.97 -4.32
N VAL A 358 19.66 22.82 -3.15
CA VAL A 358 18.32 23.36 -2.94
C VAL A 358 18.33 24.88 -3.08
N ALA A 359 19.34 25.54 -2.52
CA ALA A 359 19.40 27.00 -2.62
C ALA A 359 19.56 27.45 -4.06
N ARG A 360 20.26 26.68 -4.89
CA ARG A 360 20.40 27.02 -6.31
C ARG A 360 19.17 26.64 -7.12
N GLY A 361 18.18 25.98 -6.52
CA GLY A 361 17.00 25.58 -7.24
C GLY A 361 17.10 24.26 -7.97
N ARG A 362 18.21 23.54 -7.82
CA ARG A 362 18.40 22.28 -8.53
C ARG A 362 17.76 21.10 -7.81
N GLY A 363 17.55 21.21 -6.49
CA GLY A 363 16.80 20.20 -5.76
C GLY A 363 15.72 20.87 -4.94
N LEU A 364 14.78 20.03 -4.49
CA LEU A 364 13.71 20.52 -3.63
C LEU A 364 13.35 19.41 -2.66
N VAL A 365 13.32 19.71 -1.36
CA VAL A 365 12.89 18.77 -0.33
C VAL A 365 11.58 19.28 0.25
N VAL A 366 10.57 18.42 0.28
CA VAL A 366 9.26 18.75 0.82
C VAL A 366 8.82 17.64 1.76
N PRO A 367 7.85 17.91 2.63
CA PRO A 367 7.42 16.89 3.60
C PRO A 367 6.49 15.82 3.04
N TRP A 368 5.73 16.15 2.01
CA TRP A 368 4.66 15.32 1.48
C TRP A 368 4.18 15.94 0.18
N CYS A 369 3.65 15.12 -0.73
CA CYS A 369 3.31 15.63 -2.05
C CYS A 369 2.06 14.96 -2.58
N PRO A 370 1.48 15.51 -3.65
CA PRO A 370 0.44 14.81 -4.41
C PRO A 370 1.11 13.81 -5.32
N GLN A 371 1.18 12.56 -4.87
CA GLN A 371 2.13 11.62 -5.47
C GLN A 371 1.72 11.22 -6.89
N ALA A 372 0.45 10.87 -7.11
CA ALA A 372 0.06 10.43 -8.44
C ALA A 372 0.35 11.52 -9.46
N ALA A 373 0.07 12.78 -9.11
CA ALA A 373 0.31 13.88 -10.03
C ALA A 373 1.80 14.11 -10.26
N VAL A 374 2.61 13.99 -9.20
CA VAL A 374 4.06 14.15 -9.35
C VAL A 374 4.61 13.09 -10.31
N LEU A 375 4.19 11.83 -10.13
CA LEU A 375 4.71 10.76 -10.97
C LEU A 375 4.29 10.92 -12.43
N LYS A 376 3.12 11.51 -12.68
CA LYS A 376 2.67 11.78 -14.05
C LYS A 376 3.27 13.06 -14.64
N HIS A 377 3.99 13.85 -13.86
CA HIS A 377 4.57 15.09 -14.37
C HIS A 377 5.70 14.78 -15.36
N ALA A 378 5.71 15.50 -16.49
CA ALA A 378 6.66 15.23 -17.54
C ALA A 378 8.11 15.41 -17.09
N ALA A 379 8.35 16.23 -16.07
CA ALA A 379 9.71 16.50 -15.63
C ALA A 379 10.34 15.30 -14.91
N VAL A 380 9.53 14.38 -14.40
CA VAL A 380 10.06 13.27 -13.62
C VAL A 380 10.54 12.19 -14.55
N GLY A 381 11.75 11.68 -14.31
CA GLY A 381 12.32 10.61 -15.08
C GLY A 381 12.60 9.33 -14.31
N LEU A 382 12.50 9.35 -12.99
CA LEU A 382 12.84 8.18 -12.19
C LEU A 382 12.17 8.30 -10.83
N PHE A 383 11.70 7.18 -10.29
CA PHE A 383 11.12 7.12 -8.94
C PHE A 383 11.98 6.21 -8.09
N VAL A 384 12.63 6.80 -7.08
CA VAL A 384 13.31 6.06 -6.03
C VAL A 384 12.27 5.79 -4.96
N SER A 385 11.94 4.51 -4.76
CA SER A 385 10.76 4.13 -4.02
C SER A 385 11.08 3.04 -3.02
N HIS A 386 10.35 3.07 -1.90
CA HIS A 386 10.36 1.99 -0.93
C HIS A 386 9.57 0.77 -1.39
N CYS A 387 8.88 0.84 -2.51
CA CYS A 387 8.14 -0.28 -3.10
C CYS A 387 6.85 -0.59 -2.37
N GLY A 388 6.29 0.37 -1.66
CA GLY A 388 4.93 0.22 -1.19
C GLY A 388 3.98 0.06 -2.37
N TRP A 389 2.94 -0.72 -2.16
CA TRP A 389 2.17 -1.17 -3.32
C TRP A 389 1.43 -0.02 -3.98
N ASN A 390 0.78 0.85 -3.21
CA ASN A 390 0.08 1.96 -3.86
C ASN A 390 1.05 2.84 -4.64
N SER A 391 2.24 3.06 -4.08
CA SER A 391 3.25 3.84 -4.79
C SER A 391 3.63 3.17 -6.10
N LEU A 392 3.81 1.85 -6.09
CA LEU A 392 4.14 1.16 -7.33
C LEU A 392 2.99 1.19 -8.33
N LEU A 393 1.75 1.10 -7.85
CA LEU A 393 0.62 1.25 -8.77
C LEU A 393 0.61 2.63 -9.40
N GLU A 394 0.89 3.66 -8.61
CA GLU A 394 0.96 5.03 -9.12
C GLU A 394 2.10 5.17 -10.13
N ALA A 395 3.25 4.55 -9.86
CA ALA A 395 4.35 4.60 -10.81
C ALA A 395 4.01 3.84 -12.07
N THR A 396 3.31 2.71 -11.93
CA THR A 396 2.98 1.88 -13.09
C THR A 396 2.02 2.62 -14.00
N ALA A 397 1.01 3.27 -13.43
CA ALA A 397 0.09 4.06 -14.23
C ALA A 397 0.78 5.22 -14.91
N ALA A 398 1.82 5.76 -14.28
CA ALA A 398 2.52 6.92 -14.82
C ALA A 398 3.62 6.55 -15.81
N GLY A 399 4.02 5.29 -15.87
CA GLY A 399 5.12 4.88 -16.73
C GLY A 399 6.50 5.26 -16.22
N GLN A 400 6.65 5.41 -14.93
CA GLN A 400 7.96 5.75 -14.36
C GLN A 400 8.73 4.51 -13.94
N PRO A 401 9.98 4.39 -14.38
CA PRO A 401 10.83 3.28 -13.90
C PRO A 401 11.19 3.53 -12.44
N VAL A 402 11.52 2.44 -11.75
CA VAL A 402 11.67 2.46 -10.30
C VAL A 402 13.07 2.03 -9.92
N LEU A 403 13.72 2.77 -9.03
CA LEU A 403 14.92 2.33 -8.35
C LEU A 403 14.49 2.03 -6.90
N ALA A 404 14.57 0.76 -6.54
CA ALA A 404 13.92 0.25 -5.34
C ALA A 404 14.82 0.22 -4.12
N TRP A 405 14.24 0.59 -2.97
CA TRP A 405 14.89 0.41 -1.67
C TRP A 405 13.82 -0.10 -0.71
N PRO A 406 13.50 -1.39 -0.79
CA PRO A 406 12.38 -1.93 -0.02
C PRO A 406 12.65 -1.88 1.47
N CYS A 407 11.60 -1.61 2.25
CA CYS A 407 11.75 -1.41 3.68
C CYS A 407 11.15 -2.52 4.53
N HIS A 408 9.88 -2.82 4.38
CA HIS A 408 9.24 -3.78 5.28
C HIS A 408 8.08 -4.47 4.58
N GLY A 409 7.55 -5.51 5.24
CA GLY A 409 6.45 -6.22 4.67
C GLY A 409 6.77 -6.76 3.30
N GLU A 410 5.78 -6.70 2.42
CA GLU A 410 5.89 -7.25 1.08
C GLU A 410 6.67 -6.36 0.13
N GLN A 411 7.28 -5.28 0.61
CA GLN A 411 8.09 -4.44 -0.26
C GLN A 411 9.26 -5.21 -0.84
N THR A 412 9.82 -6.14 -0.07
CA THR A 412 10.88 -6.99 -0.60
C THR A 412 10.36 -7.87 -1.73
N THR A 413 9.16 -8.43 -1.59
CA THR A 413 8.59 -9.27 -2.64
C THR A 413 8.35 -8.47 -3.91
N ASN A 414 7.83 -7.25 -3.74
CA ASN A 414 7.61 -6.36 -4.87
C ASN A 414 8.91 -6.05 -5.57
N CYS A 415 9.96 -5.77 -4.80
CA CYS A 415 11.25 -5.45 -5.40
C CYS A 415 11.75 -6.63 -6.22
N ARG A 416 11.60 -7.85 -5.71
CA ARG A 416 12.06 -9.01 -6.46
C ARG A 416 11.36 -9.11 -7.81
N GLN A 417 10.06 -8.85 -7.83
CA GLN A 417 9.31 -8.93 -9.09
C GLN A 417 9.66 -7.76 -10.01
N LEU A 418 9.80 -6.55 -9.46
CA LEU A 418 10.23 -5.40 -10.26
C LEU A 418 11.50 -5.73 -11.01
N CYS A 419 12.44 -6.36 -10.32
CA CYS A 419 13.74 -6.62 -10.92
C CYS A 419 13.70 -7.82 -11.87
N GLU A 420 13.03 -8.90 -11.49
CA GLU A 420 13.22 -10.16 -12.20
C GLU A 420 12.09 -10.53 -13.14
N VAL A 421 10.89 -9.96 -12.98
CA VAL A 421 9.73 -10.40 -13.74
C VAL A 421 9.10 -9.23 -14.48
N TRP A 422 8.66 -8.21 -13.73
CA TRP A 422 7.99 -7.08 -14.36
C TRP A 422 8.96 -6.29 -15.24
N GLY A 423 10.18 -6.10 -14.77
CA GLY A 423 11.24 -5.53 -15.58
C GLY A 423 11.31 -4.03 -15.63
N ASN A 424 10.50 -3.33 -14.82
CA ASN A 424 10.45 -1.89 -14.81
C ASN A 424 11.25 -1.27 -13.66
N GLY A 425 12.08 -2.05 -12.97
CA GLY A 425 12.90 -1.49 -11.91
C GLY A 425 14.23 -2.18 -11.74
N ALA A 426 15.06 -1.54 -10.93
CA ALA A 426 16.33 -2.03 -10.43
C ALA A 426 16.35 -1.71 -8.94
N GLN A 427 17.33 -2.26 -8.23
CA GLN A 427 17.36 -2.15 -6.78
C GLN A 427 18.67 -1.55 -6.29
N LEU A 428 18.56 -0.78 -5.22
CA LEU A 428 19.66 -0.35 -4.38
C LEU A 428 19.93 -1.40 -3.30
N PRO A 429 21.15 -1.43 -2.77
CA PRO A 429 21.45 -2.23 -1.57
C PRO A 429 20.75 -1.69 -0.34
N ARG A 430 20.49 -2.57 0.65
CA ARG A 430 19.85 -2.10 1.87
C ARG A 430 20.77 -1.12 2.57
N GLU A 431 22.07 -1.40 2.61
CA GLU A 431 23.03 -0.50 3.25
C GLU A 431 23.34 0.64 2.28
N VAL A 432 22.76 1.80 2.56
CA VAL A 432 22.89 2.96 1.69
C VAL A 432 24.30 3.53 1.78
N GLU A 433 24.91 3.80 0.63
CA GLU A 433 26.23 4.43 0.56
C GLU A 433 26.19 5.42 -0.59
N SER A 434 26.59 6.66 -0.31
CA SER A 434 26.35 7.76 -1.24
C SER A 434 26.90 7.49 -2.63
N GLY A 435 28.11 6.95 -2.72
CA GLY A 435 28.71 6.73 -4.04
C GLY A 435 27.91 5.76 -4.89
N ALA A 436 27.47 4.66 -4.27
CA ALA A 436 26.69 3.67 -4.99
C ALA A 436 25.30 4.19 -5.33
N VAL A 437 24.72 4.99 -4.43
CA VAL A 437 23.46 5.63 -4.75
C VAL A 437 23.59 6.50 -5.99
N ALA A 438 24.61 7.38 -6.00
CA ALA A 438 24.78 8.28 -7.12
C ALA A 438 25.00 7.53 -8.41
N ARG A 439 25.78 6.45 -8.35
CA ARG A 439 26.09 5.70 -9.55
C ARG A 439 24.85 4.99 -10.09
N LEU A 440 24.06 4.38 -9.21
CA LEU A 440 22.88 3.66 -9.67
C LEU A 440 21.81 4.63 -10.19
N VAL A 441 21.64 5.80 -9.54
CA VAL A 441 20.76 6.81 -10.09
C VAL A 441 21.24 7.21 -11.49
N ARG A 442 22.55 7.46 -11.63
CA ARG A 442 23.07 7.85 -12.92
C ARG A 442 22.82 6.79 -13.98
N GLU A 443 23.06 5.51 -13.65
CA GLU A 443 22.79 4.42 -14.59
C GLU A 443 21.31 4.41 -14.99
N MET A 444 20.42 4.70 -14.03
CA MET A 444 19.00 4.71 -14.34
C MET A 444 18.60 5.93 -15.13
N MET A 445 19.32 7.05 -15.00
CA MET A 445 18.93 8.25 -15.73
C MET A 445 19.51 8.30 -17.15
N VAL A 446 20.74 7.81 -17.36
CA VAL A 446 21.39 7.94 -18.66
C VAL A 446 22.00 6.64 -19.17
N GLY A 447 21.96 5.56 -18.41
CA GLY A 447 22.60 4.33 -18.80
C GLY A 447 21.64 3.38 -19.49
N ASP A 448 22.24 2.32 -20.06
CA ASP A 448 21.45 1.27 -20.68
C ASP A 448 20.49 0.64 -19.69
N LEU A 449 20.90 0.56 -18.42
CA LEU A 449 20.00 0.02 -17.40
C LEU A 449 18.70 0.81 -17.38
N GLY A 450 18.78 2.13 -17.26
CA GLY A 450 17.58 2.95 -17.22
C GLY A 450 16.80 2.90 -18.52
N LYS A 451 17.49 2.85 -19.66
CA LYS A 451 16.76 2.74 -20.93
C LYS A 451 15.90 1.49 -20.96
N GLU A 452 16.44 0.37 -20.49
CA GLU A 452 15.70 -0.88 -20.46
C GLU A 452 14.49 -0.80 -19.53
N LYS A 453 14.70 -0.29 -18.32
CA LYS A 453 13.60 -0.23 -17.36
C LYS A 453 12.55 0.77 -17.79
N ARG A 454 12.95 1.90 -18.35
CA ARG A 454 12.01 2.91 -18.79
C ARG A 454 11.18 2.41 -19.95
N ALA A 455 11.77 1.61 -20.82
CA ALA A 455 11.01 1.05 -21.94
C ALA A 455 9.96 0.08 -21.44
N LYS A 456 10.34 -0.78 -20.49
CA LYS A 456 9.38 -1.69 -19.89
C LYS A 456 8.29 -0.93 -19.14
N ALA A 457 8.68 0.12 -18.43
CA ALA A 457 7.68 0.97 -17.78
C ALA A 457 6.66 1.51 -18.77
N ALA A 458 7.10 1.90 -19.96
CA ALA A 458 6.16 2.41 -20.95
C ALA A 458 5.19 1.31 -21.37
N GLU A 459 5.67 0.08 -21.51
CA GLU A 459 4.80 -1.03 -21.87
C GLU A 459 3.75 -1.25 -20.79
N TRP A 460 4.18 -1.26 -19.52
CA TRP A 460 3.19 -1.46 -18.44
C TRP A 460 2.22 -0.30 -18.32
N LYS A 461 2.65 0.93 -18.64
CA LYS A 461 1.71 2.05 -18.66
C LYS A 461 0.59 1.80 -19.67
N ALA A 462 0.96 1.36 -20.87
CA ALA A 462 -0.06 1.06 -21.88
C ALA A 462 -0.95 -0.09 -21.45
N ALA A 463 -0.36 -1.11 -20.83
CA ALA A 463 -1.16 -2.24 -20.36
C ALA A 463 -2.14 -1.80 -19.27
N ALA A 464 -1.69 -0.94 -18.35
CA ALA A 464 -2.57 -0.47 -17.29
C ALA A 464 -3.70 0.38 -17.86
N GLU A 465 -3.38 1.23 -18.85
CA GLU A 465 -4.43 2.02 -19.48
C GLU A 465 -5.45 1.14 -20.18
N ALA A 466 -4.99 0.09 -20.87
CA ALA A 466 -5.92 -0.81 -21.54
C ALA A 466 -6.80 -1.53 -20.53
N ALA A 467 -6.23 -1.91 -19.38
CA ALA A 467 -6.99 -2.67 -18.40
C ALA A 467 -8.03 -1.81 -17.71
N ALA A 468 -7.76 -0.51 -17.56
CA ALA A 468 -8.60 0.38 -16.79
C ALA A 468 -9.67 1.08 -17.62
N ARG A 469 -9.48 1.20 -18.94
CA ARG A 469 -10.48 1.84 -19.77
C ARG A 469 -11.68 0.90 -19.93
N LYS A 470 -12.82 1.49 -20.27
CA LYS A 470 -14.04 0.69 -20.44
C LYS A 470 -13.77 -0.50 -21.36
N GLY A 471 -14.18 -1.69 -20.89
CA GLY A 471 -13.95 -2.93 -21.60
C GLY A 471 -12.69 -3.66 -21.21
N GLY A 472 -11.76 -3.00 -20.54
CA GLY A 472 -10.52 -3.64 -20.17
C GLY A 472 -10.69 -4.61 -19.01
N ALA A 473 -9.63 -5.40 -18.80
CA ALA A 473 -9.70 -6.51 -17.86
C ALA A 473 -9.97 -6.04 -16.43
N SER A 474 -9.33 -4.96 -16.00
CA SER A 474 -9.59 -4.50 -14.64
C SER A 474 -10.96 -3.83 -14.55
N TRP A 475 -11.32 -3.07 -15.58
CA TRP A 475 -12.65 -2.47 -15.65
C TRP A 475 -13.72 -3.54 -15.53
N ARG A 476 -13.57 -4.63 -16.25
CA ARG A 476 -14.58 -5.69 -16.21
C ARG A 476 -14.67 -6.30 -14.82
N ASN A 477 -13.53 -6.49 -14.14
CA ASN A 477 -13.59 -7.06 -12.80
C ASN A 477 -14.20 -6.09 -11.79
N VAL A 478 -14.02 -4.78 -11.97
CA VAL A 478 -14.68 -3.84 -11.09
C VAL A 478 -16.18 -3.91 -11.30
N GLU A 479 -16.61 -3.95 -12.56
CA GLU A 479 -18.05 -4.04 -12.82
C GLU A 479 -18.64 -5.29 -12.21
N ARG A 480 -17.94 -6.43 -12.33
CA ARG A 480 -18.47 -7.69 -11.85
C ARG A 480 -18.53 -7.71 -10.32
N VAL A 481 -17.43 -7.36 -9.65
CA VAL A 481 -17.48 -7.42 -8.19
C VAL A 481 -18.51 -6.42 -7.63
N VAL A 482 -18.57 -5.22 -8.21
CA VAL A 482 -19.54 -4.21 -7.76
C VAL A 482 -20.97 -4.68 -8.01
N ASN A 483 -21.27 -5.07 -9.25
CA ASN A 483 -22.67 -5.38 -9.57
C ASN A 483 -23.10 -6.73 -9.01
N ASP A 484 -22.23 -7.73 -9.06
CA ASP A 484 -22.64 -9.09 -8.71
C ASP A 484 -22.49 -9.41 -7.22
N LEU A 485 -21.69 -8.63 -6.48
CA LEU A 485 -21.54 -8.92 -5.06
C LEU A 485 -21.86 -7.72 -4.19
N LEU A 486 -21.24 -6.57 -4.48
CA LEU A 486 -21.29 -5.48 -3.50
C LEU A 486 -22.62 -4.74 -3.51
N LEU A 487 -23.27 -4.57 -4.67
CA LEU A 487 -24.49 -3.78 -4.73
C LEU A 487 -25.75 -4.63 -4.78
N VAL A 488 -25.61 -5.94 -4.60
CA VAL A 488 -26.69 -6.85 -4.95
C VAL A 488 -27.63 -7.12 -3.79
N GLY A 489 -27.23 -6.79 -2.57
CA GLY A 489 -28.13 -6.89 -1.43
C GLY A 489 -29.44 -6.15 -1.64
N GLY A 490 -30.53 -6.73 -1.15
CA GLY A 490 -31.86 -6.18 -1.34
C GLY A 490 -32.88 -7.25 -1.69
N1 UDP B . 1.30 9.31 -0.49
C2 UDP B . 0.91 10.62 -0.59
N3 UDP B . 1.93 11.53 -0.65
C4 UDP B . 3.28 11.26 -0.52
C5 UDP B . 3.60 9.86 -0.40
C6 UDP B . 2.63 8.96 -0.36
O2 UDP B . -0.26 10.96 -0.69
O4 UDP B . 4.10 12.18 -0.56
C1' UDP B . 0.26 8.28 -0.47
C2' UDP B . 0.30 7.39 -1.71
O2' UDP B . -0.41 7.96 -2.82
C3' UDP B . -0.35 6.12 -1.16
C4' UDP B . 0.18 6.06 0.26
O4' UDP B . 0.50 7.42 0.62
O3' UDP B . -1.76 6.22 -1.19
C5' UDP B . 1.43 5.23 0.42
O5' UDP B . 1.01 3.87 0.29
PA UDP B . 2.02 2.72 -0.15
O1A UDP B . 1.19 1.51 -0.33
O2A UDP B . 2.85 3.14 -1.36
O3A UDP B . 3.07 2.54 1.08
PB UDP B . 2.91 2.50 2.67
O1B UDP B . 1.81 1.59 3.08
O2B UDP B . 2.70 3.92 3.05
O3B UDP B . 4.27 1.98 3.09
HN3 UDP B . 1.71 12.36 -0.72
H5 UDP B . 4.49 9.60 -0.33
H6 UDP B . 2.84 8.06 -0.27
H1' UDP B . -0.62 8.69 -0.38
H2' UDP B . 1.21 7.22 -1.98
HO2' UDP B . 0.11 7.99 -3.49
H3' UDP B . -0.05 5.34 -1.65
H4' UDP B . -0.52 5.75 0.86
HO3' UDP B . -2.10 5.62 -1.68
H5'1 UDP B . 1.83 5.38 1.29
H5'2 UDP B . 2.07 5.44 -0.28
C1 EDO C . 0.60 -1.00 1.13
O1 EDO C . 1.12 -0.89 2.46
C2 EDO C . -0.81 -1.61 1.17
O2 EDO C . -0.88 -2.82 1.93
H11 EDO C . 1.25 -1.64 0.54
H12 EDO C . 0.56 -0.02 0.67
HO1 EDO C . 2.02 -0.54 2.42
H21 EDO C . -1.13 -1.80 0.16
H22 EDO C . -1.49 -0.88 1.61
HO2 EDO C . -1.80 -3.15 1.92
C1 EDO D . -3.42 7.35 11.15
O1 EDO D . -3.50 8.09 12.35
C2 EDO D . -2.43 8.00 10.18
O2 EDO D . -1.16 7.90 10.80
H11 EDO D . -4.41 7.30 10.69
H12 EDO D . -3.09 6.33 11.36
HO1 EDO D . -4.00 7.60 13.00
H21 EDO D . -2.69 9.06 10.01
H22 EDO D . -2.44 7.50 9.22
HO2 EDO D . -0.50 8.31 10.24
C1 EDO E . 10.13 0.56 9.05
O1 EDO E . 11.01 1.45 9.69
C2 EDO E . 10.71 0.01 7.75
O2 EDO E . 12.10 0.39 7.53
H11 EDO E . 9.19 1.08 8.84
H12 EDO E . 9.91 -0.27 9.72
HO1 EDO E . 10.85 1.45 10.64
H21 EDO E . 10.12 0.38 6.91
H22 EDO E . 10.65 -1.08 7.75
HO2 EDO E . 12.48 -0.16 6.83
C1 EDO F . 16.77 -6.60 1.76
O1 EDO F . 16.08 -7.86 1.57
C2 EDO F . 15.88 -5.46 2.25
O2 EDO F . 15.45 -5.75 3.59
H11 EDO F . 17.22 -6.30 0.81
H12 EDO F . 17.58 -6.75 2.48
HO1 EDO F . 16.37 -8.26 0.74
H21 EDO F . 15.01 -5.35 1.61
H22 EDO F . 16.43 -4.52 2.24
HO2 EDO F . 14.91 -5.02 3.93
C1 EDO G . 8.25 20.47 -17.47
O1 EDO G . 8.86 19.72 -16.45
C2 EDO G . 8.35 19.67 -18.76
O2 EDO G . 7.72 20.46 -19.79
H11 EDO G . 8.74 21.44 -17.59
H12 EDO G . 7.20 20.66 -17.23
HO1 EDO G . 8.81 20.22 -15.61
H21 EDO G . 7.85 18.71 -18.65
H22 EDO G . 9.39 19.48 -19.02
HO2 EDO G . 7.67 19.94 -20.60
C1 EDO H . -18.21 -13.42 16.62
O1 EDO H . -17.99 -12.03 16.58
C2 EDO H . -16.91 -14.18 16.35
O2 EDO H . -17.33 -15.49 15.94
H11 EDO H . -18.95 -13.69 15.86
H12 EDO H . -18.60 -13.71 17.60
HO1 EDO H . -18.84 -11.57 16.68
H21 EDO H . -16.30 -14.23 17.25
H22 EDO H . -16.33 -13.69 15.57
HO2 EDO H . -16.56 -16.03 15.77
C1 EDO I . 4.45 -12.34 -14.77
O1 EDO I . 3.51 -13.27 -14.24
C2 EDO I . 3.76 -11.30 -15.65
O2 EDO I . 4.68 -10.21 -15.79
H11 EDO I . 5.19 -12.88 -15.36
H12 EDO I . 4.97 -11.84 -13.95
HO1 EDO I . 3.97 -13.93 -13.70
H21 EDO I . 2.83 -10.97 -15.19
H22 EDO I . 3.52 -11.73 -16.62
HO2 EDO I . 4.29 -9.53 -16.36
#